data_4FTW
#
_entry.id   4FTW
#
_cell.length_a   112.382
_cell.length_b   112.382
_cell.length_c   47.569
_cell.angle_alpha   90.00
_cell.angle_beta   90.00
_cell.angle_gamma   120.00
#
_symmetry.space_group_name_H-M   'P 31 2 1'
#
loop_
_entity.id
_entity.type
_entity.pdbx_description
1 polymer Phospholipase/Carboxylesterase
2 non-polymer "PIPERAZINE-N,N'-BIS(2-ETHANESULFONIC ACID)"
3 non-polymer '3-CYCLOHEXYLPROPYL 4-O-ALPHA-D-GLUCOPYRANOSYL-BETA-D-GLUCOPYRANOSIDE'
4 non-polymer 'SODIUM ION'
5 non-polymer 'CHLORIDE ION'
6 water water
#
_entity_poly.entity_id   1
_entity_poly.type   'polypeptide(L)'
_entity_poly.pdbx_seq_one_letter_code
;MHHHHHHSSGLVPRGSGMKETAAAKFERQHMDSPDLGTDDDDKAMADIMTRKLTFGRRGAAPGEATSLVVFLHGYGADGA
DLLGLAEPLAPHLPGTAFVAPDAPEPCRACGFGFQWFPIPWLDGSSETAAAEGMAAAARDLDAFHDERLAEEGLPPEALA
LVGFSQGTMMALHVAPRRAEEIAGIVGFSGRLLAPERLAEEARSKPPVLLVHGDADPVVPFADMSLAGEALAEAGFTTYG
HVMKGTGHGIAPDGLSVALAFLKERLPDACGRTRAPPPPPLRSGC
;
_entity_poly.pdbx_strand_id   A
#
# COMPACT_ATOMS: atom_id res chain seq x y z
N ILE A 48 -17.22 -7.18 -16.09
CA ILE A 48 -17.12 -6.86 -14.68
C ILE A 48 -17.51 -5.41 -14.50
N MET A 49 -17.82 -5.03 -13.29
CA MET A 49 -17.97 -3.65 -12.97
C MET A 49 -16.55 -3.27 -12.65
N THR A 50 -15.73 -4.28 -12.49
CA THR A 50 -14.36 -4.08 -12.11
C THR A 50 -13.62 -3.18 -13.06
N ARG A 51 -12.79 -2.31 -12.52
CA ARG A 51 -12.00 -1.42 -13.33
C ARG A 51 -10.56 -1.89 -13.40
N LYS A 52 -10.02 -1.88 -14.60
CA LYS A 52 -8.69 -2.37 -14.84
C LYS A 52 -7.71 -1.28 -14.56
N LEU A 53 -6.61 -1.60 -13.92
CA LEU A 53 -5.65 -0.56 -13.59
C LEU A 53 -4.43 -0.63 -14.51
N THR A 54 -4.12 0.45 -15.20
CA THR A 54 -2.86 0.58 -15.92
C THR A 54 -1.73 0.56 -14.89
N PHE A 55 -0.55 0.07 -15.30
CA PHE A 55 0.55 -0.09 -14.36
C PHE A 55 1.92 -0.12 -15.03
N GLY A 56 2.94 -0.27 -14.18
CA GLY A 56 4.31 -0.36 -14.66
C GLY A 56 5.05 -1.49 -13.97
N ARG A 57 6.24 -1.82 -14.51
CA ARG A 57 6.94 -2.97 -13.98
C ARG A 57 8.45 -2.98 -14.11
N ARG A 58 9.08 -3.64 -13.15
CA ARG A 58 10.50 -3.88 -13.12
C ARG A 58 10.67 -4.80 -11.98
N GLY A 59 11.88 -5.21 -11.71
CA GLY A 59 12.99 -5.08 -12.61
C GLY A 59 13.24 -6.49 -13.05
N ALA A 60 13.20 -7.40 -12.11
CA ALA A 60 13.39 -8.81 -12.42
C ALA A 60 12.67 -9.18 -13.69
N ALA A 61 13.33 -10.01 -14.50
CA ALA A 61 12.85 -10.33 -15.85
C ALA A 61 11.49 -11.03 -15.87
N PRO A 62 10.62 -10.59 -16.79
CA PRO A 62 9.30 -11.19 -16.99
C PRO A 62 9.40 -12.72 -17.06
N GLY A 63 8.71 -13.40 -16.16
CA GLY A 63 8.71 -14.86 -16.12
C GLY A 63 9.71 -15.43 -15.13
N GLU A 64 10.63 -14.59 -14.66
CA GLU A 64 11.68 -15.06 -13.76
C GLU A 64 11.57 -14.47 -12.34
N ALA A 65 10.49 -13.76 -12.07
CA ALA A 65 10.24 -13.19 -10.75
C ALA A 65 9.96 -14.28 -9.73
N THR A 66 10.57 -14.14 -8.55
CA THR A 66 10.42 -15.12 -7.48
C THR A 66 9.59 -14.52 -6.33
N SER A 67 9.40 -13.21 -6.40
CA SER A 67 8.60 -12.48 -5.42
C SER A 67 8.01 -11.26 -6.09
N LEU A 68 6.91 -10.75 -5.54
CA LEU A 68 6.26 -9.57 -6.09
C LEU A 68 6.04 -8.47 -5.04
N VAL A 69 6.50 -7.26 -5.33
CA VAL A 69 6.03 -6.14 -4.54
C VAL A 69 5.28 -5.13 -5.39
N VAL A 70 4.15 -4.68 -4.85
CA VAL A 70 3.30 -3.73 -5.51
C VAL A 70 3.33 -2.41 -4.72
N PHE A 71 3.62 -1.33 -5.43
CA PHE A 71 3.62 0.01 -4.84
C PHE A 71 2.24 0.65 -5.01
N LEU A 72 1.77 1.29 -3.94
CA LEU A 72 0.48 1.98 -3.95
C LEU A 72 0.69 3.46 -3.66
N HIS A 73 0.50 4.29 -4.67
CA HIS A 73 0.89 5.69 -4.57
C HIS A 73 -0.18 6.50 -3.84
N GLY A 74 0.14 7.77 -3.58
CA GLY A 74 -0.74 8.64 -2.84
C GLY A 74 -1.60 9.56 -3.70
N TYR A 75 -2.52 10.23 -3.04
CA TYR A 75 -3.40 11.21 -3.65
C TYR A 75 -2.64 12.25 -4.47
N GLY A 76 -2.88 12.29 -5.76
CA GLY A 76 -2.26 13.26 -6.62
C GLY A 76 -1.08 12.73 -7.39
N ALA A 77 -0.62 11.55 -7.03
CA ALA A 77 0.50 10.99 -7.73
C ALA A 77 0.03 9.96 -8.72
N ASP A 78 0.91 9.06 -9.07
CA ASP A 78 0.62 7.99 -9.98
C ASP A 78 1.65 6.95 -9.73
N GLY A 79 1.55 5.83 -10.42
CA GLY A 79 2.42 4.68 -10.18
C GLY A 79 3.89 4.96 -10.47
N ALA A 80 4.15 5.74 -11.51
CA ALA A 80 5.51 6.03 -11.94
C ALA A 80 6.30 6.65 -10.80
N ASP A 81 5.62 7.50 -10.02
CA ASP A 81 6.19 8.13 -8.83
C ASP A 81 6.87 7.16 -7.87
N LEU A 82 6.12 6.22 -7.31
CA LEU A 82 6.70 5.23 -6.39
C LEU A 82 7.52 4.17 -7.09
N LEU A 83 7.14 3.82 -8.31
CA LEU A 83 7.88 2.80 -9.06
C LEU A 83 9.37 3.15 -9.13
N GLY A 84 9.68 4.43 -9.08
CA GLY A 84 11.05 4.91 -8.98
C GLY A 84 11.85 4.23 -7.88
N LEU A 85 11.17 3.93 -6.78
CA LEU A 85 11.79 3.23 -5.65
C LEU A 85 12.42 1.91 -6.06
N ALA A 86 12.04 1.39 -7.23
CA ALA A 86 12.62 0.14 -7.71
C ALA A 86 14.13 0.25 -7.94
N GLU A 87 14.60 1.46 -8.28
CA GLU A 87 16.02 1.62 -8.58
C GLU A 87 16.92 1.20 -7.40
N PRO A 88 16.72 1.81 -6.21
CA PRO A 88 17.54 1.44 -5.04
C PRO A 88 17.20 0.07 -4.41
N LEU A 89 16.02 -0.46 -4.67
CA LEU A 89 15.59 -1.70 -4.03
C LEU A 89 15.96 -2.95 -4.82
N ALA A 90 15.89 -2.86 -6.15
CA ALA A 90 16.08 -4.05 -7.00
C ALA A 90 17.39 -4.79 -6.76
N PRO A 91 18.53 -4.08 -6.68
CA PRO A 91 19.81 -4.78 -6.44
C PRO A 91 19.79 -5.68 -5.20
N HIS A 92 18.92 -5.35 -4.23
CA HIS A 92 18.84 -6.10 -2.99
C HIS A 92 17.69 -7.11 -3.01
N LEU A 93 16.77 -6.94 -3.95
CA LEU A 93 15.72 -7.92 -4.14
C LEU A 93 15.80 -8.46 -5.57
N PRO A 94 16.89 -9.17 -5.88
CA PRO A 94 17.21 -9.67 -7.22
C PRO A 94 16.07 -10.41 -7.92
N GLY A 95 15.36 -11.30 -7.21
CA GLY A 95 14.28 -12.05 -7.81
C GLY A 95 12.95 -11.31 -7.85
N THR A 96 12.92 -10.14 -7.22
CA THR A 96 11.67 -9.39 -7.03
C THR A 96 11.23 -8.63 -8.28
N ALA A 97 9.95 -8.74 -8.60
CA ALA A 97 9.33 -7.84 -9.56
C ALA A 97 8.62 -6.70 -8.82
N PHE A 98 8.74 -5.50 -9.35
CA PHE A 98 8.09 -4.33 -8.78
C PHE A 98 7.03 -3.82 -9.75
N VAL A 99 5.82 -3.63 -9.24
CA VAL A 99 4.72 -3.14 -10.05
C VAL A 99 4.05 -1.95 -9.35
N ALA A 100 3.61 -0.96 -10.12
CA ALA A 100 2.89 0.19 -9.57
C ALA A 100 1.69 0.60 -10.45
N PRO A 101 0.48 0.37 -9.96
CA PRO A 101 -0.70 0.80 -10.71
C PRO A 101 -0.96 2.28 -10.53
N ASP A 102 -1.66 2.87 -11.49
CA ASP A 102 -2.33 4.15 -11.28
C ASP A 102 -3.70 3.90 -10.65
N ALA A 103 -4.06 4.73 -9.67
CA ALA A 103 -5.39 4.65 -9.06
C ALA A 103 -6.46 4.82 -10.13
N PRO A 104 -7.59 4.11 -9.98
CA PRO A 104 -8.61 4.02 -11.02
C PRO A 104 -9.16 5.35 -11.51
N GLU A 105 -9.05 6.42 -10.71
CA GLU A 105 -9.62 7.71 -11.09
C GLU A 105 -8.58 8.82 -11.15
N PRO A 106 -8.81 9.82 -12.02
CA PRO A 106 -7.95 11.01 -12.03
C PRO A 106 -8.22 11.83 -10.79
N CYS A 107 -7.21 12.50 -10.28
CA CYS A 107 -7.43 13.35 -9.13
C CYS A 107 -8.25 14.53 -9.57
N ARG A 108 -9.49 14.58 -9.15
CA ARG A 108 -10.38 15.61 -9.67
C ARG A 108 -10.00 16.99 -9.16
N ALA A 109 -9.60 17.09 -7.91
CA ALA A 109 -9.22 18.38 -7.37
C ALA A 109 -7.82 18.75 -7.76
N CYS A 110 -6.90 17.81 -7.64
CA CYS A 110 -5.52 18.08 -8.02
C CYS A 110 -5.52 18.68 -9.34
N GLY A 111 -6.02 17.95 -10.30
CA GLY A 111 -5.92 18.55 -11.61
C GLY A 111 -5.01 17.70 -12.43
N PHE A 112 -4.36 16.76 -11.78
CA PHE A 112 -3.43 15.92 -12.47
C PHE A 112 -3.34 14.71 -11.62
N GLY A 113 -2.59 13.73 -12.09
CA GLY A 113 -2.37 12.55 -11.32
C GLY A 113 -3.65 11.91 -10.93
N PHE A 114 -3.57 10.94 -10.04
CA PHE A 114 -4.72 10.10 -9.75
C PHE A 114 -5.09 10.05 -8.26
N GLN A 115 -6.27 9.50 -8.00
CA GLN A 115 -6.73 9.28 -6.64
C GLN A 115 -7.34 7.89 -6.49
N TRP A 116 -7.19 7.30 -5.31
CA TRP A 116 -7.84 6.03 -5.02
C TRP A 116 -9.28 6.31 -4.61
N PHE A 117 -9.51 7.53 -4.13
CA PHE A 117 -10.86 8.02 -3.82
C PHE A 117 -10.72 9.49 -3.47
N PRO A 118 -11.80 10.28 -3.63
CA PRO A 118 -11.69 11.70 -3.32
C PRO A 118 -11.57 11.94 -1.82
N ILE A 119 -11.05 13.09 -1.44
CA ILE A 119 -10.90 13.45 -0.03
C ILE A 119 -11.78 14.66 0.26
N PRO A 120 -12.99 14.41 0.75
CA PRO A 120 -14.06 15.41 0.95
C PRO A 120 -13.57 16.78 1.41
N TRP A 121 -12.87 16.82 2.54
CA TRP A 121 -12.51 18.08 3.20
C TRP A 121 -11.45 18.86 2.44
N LEU A 122 -10.90 18.24 1.41
CA LEU A 122 -9.80 18.78 0.64
C LEU A 122 -10.24 18.88 -0.80
N ASP A 123 -11.20 18.03 -1.14
CA ASP A 123 -11.62 17.75 -2.50
C ASP A 123 -12.93 18.49 -2.79
N GLY A 124 -13.69 18.79 -1.75
CA GLY A 124 -15.02 19.32 -1.94
C GLY A 124 -15.86 18.29 -2.68
N SER A 125 -15.87 17.08 -2.14
CA SER A 125 -16.70 16.00 -2.64
C SER A 125 -17.48 15.50 -1.45
N SER A 126 -18.57 14.79 -1.69
CA SER A 126 -19.37 14.27 -0.58
C SER A 126 -18.62 13.15 0.14
N GLU A 127 -18.88 13.01 1.43
CA GLU A 127 -18.23 11.96 2.20
C GLU A 127 -18.72 10.58 1.78
N THR A 128 -19.98 10.50 1.34
CA THR A 128 -20.52 9.23 0.87
C THR A 128 -19.94 8.86 -0.49
N ALA A 129 -19.84 9.83 -1.38
CA ALA A 129 -19.20 9.58 -2.67
C ALA A 129 -17.76 9.11 -2.44
N ALA A 130 -17.14 9.64 -1.39
CA ALA A 130 -15.77 9.27 -1.06
C ALA A 130 -15.70 7.85 -0.52
N ALA A 131 -16.60 7.51 0.40
CA ALA A 131 -16.63 6.17 0.96
C ALA A 131 -16.88 5.13 -0.13
N GLU A 132 -17.71 5.49 -1.10
CA GLU A 132 -18.02 4.59 -2.21
C GLU A 132 -16.79 4.36 -3.06
N GLY A 133 -16.11 5.44 -3.42
CA GLY A 133 -14.88 5.33 -4.21
C GLY A 133 -13.87 4.41 -3.55
N MET A 134 -13.81 4.52 -2.23
CA MET A 134 -12.90 3.73 -1.42
C MET A 134 -13.23 2.23 -1.49
N ALA A 135 -14.49 1.89 -1.28
CA ALA A 135 -14.88 0.48 -1.36
C ALA A 135 -14.69 -0.06 -2.78
N ALA A 136 -15.08 0.74 -3.77
CA ALA A 136 -14.93 0.32 -5.16
C ALA A 136 -13.46 0.18 -5.53
N ALA A 137 -12.64 1.14 -5.12
CA ALA A 137 -11.23 1.12 -5.45
C ALA A 137 -10.55 -0.08 -4.83
N ALA A 138 -11.04 -0.51 -3.67
CA ALA A 138 -10.46 -1.66 -3.00
C ALA A 138 -10.72 -2.93 -3.79
N ARG A 139 -11.91 -3.00 -4.39
CA ARG A 139 -12.25 -4.19 -5.18
C ARG A 139 -11.39 -4.23 -6.43
N ASP A 140 -11.21 -3.07 -7.07
CA ASP A 140 -10.39 -2.98 -8.25
C ASP A 140 -8.98 -3.44 -7.91
N LEU A 141 -8.43 -2.89 -6.83
CA LEU A 141 -7.08 -3.25 -6.42
C LEU A 141 -7.00 -4.73 -6.09
N ASP A 142 -8.01 -5.25 -5.40
CA ASP A 142 -8.07 -6.68 -5.09
C ASP A 142 -7.88 -7.49 -6.38
N ALA A 143 -8.68 -7.17 -7.40
CA ALA A 143 -8.61 -7.84 -8.69
C ALA A 143 -7.23 -7.68 -9.35
N PHE A 144 -6.71 -6.46 -9.36
CA PHE A 144 -5.42 -6.16 -9.98
C PHE A 144 -4.35 -7.07 -9.42
N HIS A 145 -4.39 -7.26 -8.11
CA HIS A 145 -3.47 -8.14 -7.45
C HIS A 145 -3.50 -9.56 -7.98
N ASP A 146 -4.70 -10.12 -8.04
CA ASP A 146 -4.88 -11.49 -8.53
C ASP A 146 -4.30 -11.61 -9.93
N GLU A 147 -4.64 -10.64 -10.79
CA GLU A 147 -4.10 -10.61 -12.16
C GLU A 147 -2.57 -10.62 -12.19
N ARG A 148 -1.92 -9.70 -11.46
CA ARG A 148 -0.45 -9.66 -11.46
C ARG A 148 0.17 -10.96 -10.96
N LEU A 149 -0.43 -11.55 -9.92
CA LEU A 149 0.09 -12.81 -9.36
C LEU A 149 0.00 -13.93 -10.38
N ALA A 150 -1.00 -13.85 -11.25
CA ALA A 150 -1.16 -14.83 -12.31
C ALA A 150 -0.04 -14.70 -13.32
N GLU A 151 0.11 -13.50 -13.89
CA GLU A 151 1.11 -13.26 -14.92
C GLU A 151 2.52 -13.58 -14.43
N GLU A 152 2.76 -13.38 -13.14
CA GLU A 152 4.06 -13.72 -12.56
C GLU A 152 4.05 -15.19 -12.15
N GLY A 153 2.88 -15.81 -12.17
CA GLY A 153 2.76 -17.20 -11.78
C GLY A 153 3.14 -17.43 -10.33
N LEU A 154 2.89 -16.43 -9.49
CA LEU A 154 3.24 -16.52 -8.07
C LEU A 154 2.02 -16.69 -7.18
N PRO A 155 2.24 -17.20 -5.95
CA PRO A 155 1.22 -17.36 -4.92
C PRO A 155 1.21 -16.19 -3.95
N PRO A 156 0.08 -15.96 -3.26
CA PRO A 156 -0.10 -14.83 -2.35
C PRO A 156 1.07 -14.56 -1.42
N GLU A 157 1.61 -15.60 -0.78
CA GLU A 157 2.66 -15.46 0.23
C GLU A 157 3.97 -14.90 -0.33
N ALA A 158 4.02 -14.67 -1.63
CA ALA A 158 5.21 -14.09 -2.25
C ALA A 158 4.97 -12.64 -2.66
N LEU A 159 3.81 -12.13 -2.25
CA LEU A 159 3.43 -10.75 -2.55
C LEU A 159 3.52 -9.86 -1.31
N ALA A 160 4.09 -8.67 -1.49
CA ALA A 160 4.12 -7.67 -0.44
C ALA A 160 3.58 -6.34 -0.97
N LEU A 161 2.86 -5.62 -0.11
CA LEU A 161 2.35 -4.30 -0.48
C LEU A 161 3.16 -3.17 0.17
N VAL A 162 3.49 -2.16 -0.62
CA VAL A 162 4.20 -1.01 -0.09
C VAL A 162 3.41 0.22 -0.47
N GLY A 163 2.81 0.88 0.52
CA GLY A 163 1.95 2.02 0.25
C GLY A 163 2.53 3.32 0.74
N PHE A 164 2.00 4.38 0.17
CA PHE A 164 2.17 5.75 0.59
C PHE A 164 0.87 6.55 0.44
N SER A 165 0.39 6.89 1.61
CA SER A 165 -0.60 7.78 2.13
C SER A 165 -1.94 7.16 1.99
N GLN A 166 -2.43 7.64 0.97
CA GLN A 166 -3.68 7.04 0.57
C GLN A 166 -3.43 5.62 0.14
N GLY A 167 -2.26 5.36 -0.42
CA GLY A 167 -1.89 4.03 -0.83
C GLY A 167 -1.77 3.11 0.34
N THR A 168 -1.28 3.62 1.44
CA THR A 168 -1.19 2.84 2.68
C THR A 168 -2.57 2.46 3.22
N MET A 169 -3.48 3.43 3.30
CA MET A 169 -4.87 3.13 3.63
C MET A 169 -5.48 2.00 2.75
N MET A 170 -5.31 2.08 1.43
CA MET A 170 -5.76 0.99 0.54
C MET A 170 -5.16 -0.37 0.90
N ALA A 171 -3.86 -0.40 1.21
CA ALA A 171 -3.17 -1.65 1.54
C ALA A 171 -3.70 -2.28 2.82
N LEU A 172 -3.82 -1.47 3.86
CA LEU A 172 -4.28 -1.98 5.15
C LEU A 172 -5.75 -2.45 5.09
N HIS A 173 -6.47 -1.98 4.08
CA HIS A 173 -7.89 -2.33 3.95
C HIS A 173 -8.06 -3.63 3.16
N VAL A 174 -7.38 -3.72 2.03
CA VAL A 174 -7.52 -4.85 1.11
C VAL A 174 -6.86 -6.14 1.59
N ALA A 175 -5.61 -6.04 2.03
CA ALA A 175 -4.88 -7.26 2.37
C ALA A 175 -5.59 -8.15 3.42
N PRO A 176 -6.01 -7.55 4.55
CA PRO A 176 -6.66 -8.33 5.61
C PRO A 176 -7.98 -8.93 5.13
N ARG A 177 -8.51 -8.46 4.01
CA ARG A 177 -9.80 -8.99 3.52
C ARG A 177 -9.63 -9.98 2.36
N ARG A 178 -8.38 -10.28 1.98
CA ARG A 178 -8.09 -11.32 0.99
C ARG A 178 -8.12 -12.70 1.66
N ALA A 179 -8.42 -13.74 0.89
CA ALA A 179 -8.58 -15.09 1.41
C ALA A 179 -7.28 -15.64 1.99
N GLU A 180 -6.20 -15.40 1.26
CA GLU A 180 -4.91 -15.93 1.60
C GLU A 180 -3.93 -14.89 2.08
N GLU A 181 -3.18 -15.21 3.14
CA GLU A 181 -2.24 -14.29 3.76
C GLU A 181 -1.05 -13.96 2.84
N ILE A 182 -0.80 -12.66 2.60
CA ILE A 182 0.35 -12.26 1.78
C ILE A 182 1.63 -12.19 2.59
N ALA A 183 2.75 -11.92 1.92
CA ALA A 183 4.05 -11.88 2.60
C ALA A 183 4.06 -10.82 3.70
N GLY A 184 3.57 -9.63 3.38
CA GLY A 184 3.60 -8.53 4.33
C GLY A 184 3.20 -7.22 3.69
N ILE A 185 3.08 -6.22 4.56
CA ILE A 185 2.72 -4.87 4.16
C ILE A 185 3.64 -3.85 4.80
N VAL A 186 4.07 -2.89 4.01
CA VAL A 186 4.74 -1.74 4.52
C VAL A 186 3.93 -0.53 4.21
N GLY A 187 3.52 0.16 5.25
CA GLY A 187 2.74 1.36 5.10
C GLY A 187 3.43 2.60 5.59
N PHE A 188 3.78 3.48 4.68
CA PHE A 188 4.39 4.75 5.00
C PHE A 188 3.29 5.80 5.14
N SER A 189 3.11 6.29 6.35
CA SER A 189 2.30 7.45 6.67
C SER A 189 0.96 7.82 6.07
N GLY A 190 -0.06 6.99 6.07
CA GLY A 190 -0.26 5.95 7.02
C GLY A 190 -1.54 6.21 7.79
N ARG A 191 -2.66 5.72 7.32
CA ARG A 191 -3.87 5.68 8.13
C ARG A 191 -4.75 4.48 7.88
N LEU A 192 -5.19 3.88 8.96
CA LEU A 192 -6.08 2.73 8.92
C LEU A 192 -7.56 3.13 8.93
N LEU A 193 -8.27 2.98 7.80
CA LEU A 193 -9.72 3.27 7.79
C LEU A 193 -10.45 2.28 8.69
N ALA A 194 -11.38 2.80 9.49
CA ALA A 194 -12.35 1.97 10.20
C ALA A 194 -11.70 0.87 11.05
N PRO A 195 -10.86 1.27 12.01
CA PRO A 195 -10.17 0.26 12.82
C PRO A 195 -11.13 -0.65 13.59
N GLU A 196 -12.32 -0.17 13.90
CA GLU A 196 -13.29 -0.96 14.66
C GLU A 196 -13.77 -2.21 13.92
N ARG A 197 -13.70 -2.19 12.59
CA ARG A 197 -14.20 -3.32 11.79
C ARG A 197 -13.11 -4.37 11.50
N LEU A 198 -11.89 -4.10 11.95
CA LEU A 198 -10.76 -4.94 11.59
C LEU A 198 -10.91 -6.35 12.16
N ALA A 199 -11.19 -6.45 13.45
CA ALA A 199 -11.28 -7.75 14.10
C ALA A 199 -12.34 -8.64 13.45
N GLU A 200 -13.47 -8.05 13.10
CA GLU A 200 -14.55 -8.81 12.49
C GLU A 200 -14.25 -9.19 11.04
N GLU A 201 -13.60 -8.29 10.31
CA GLU A 201 -13.46 -8.47 8.87
C GLU A 201 -12.10 -9.02 8.41
N ALA A 202 -11.15 -9.14 9.34
CA ALA A 202 -9.85 -9.72 9.04
C ALA A 202 -9.90 -11.22 8.73
N ARG A 203 -9.88 -11.57 7.45
CA ARG A 203 -9.76 -12.97 7.04
C ARG A 203 -8.31 -13.41 7.12
N SER A 204 -7.41 -12.55 6.68
CA SER A 204 -5.98 -12.83 6.63
C SER A 204 -5.22 -11.80 7.44
N LYS A 205 -4.11 -12.22 8.05
CA LYS A 205 -3.34 -11.35 8.94
C LYS A 205 -1.84 -11.40 8.65
N PRO A 206 -1.43 -10.85 7.50
CA PRO A 206 0.00 -10.77 7.16
C PRO A 206 0.68 -9.81 8.11
N PRO A 207 2.01 -9.91 8.26
CA PRO A 207 2.78 -9.00 9.11
C PRO A 207 2.67 -7.58 8.59
N VAL A 208 2.74 -6.60 9.47
CA VAL A 208 2.62 -5.20 9.07
C VAL A 208 3.69 -4.34 9.69
N LEU A 209 4.35 -3.54 8.84
CA LEU A 209 5.33 -2.57 9.31
C LEU A 209 4.82 -1.17 8.99
N LEU A 210 4.68 -0.37 10.03
CA LEU A 210 4.20 0.98 9.84
C LEU A 210 5.40 1.90 9.98
N VAL A 211 5.50 2.83 9.05
CA VAL A 211 6.58 3.79 9.03
C VAL A 211 5.97 5.18 8.90
N HIS A 212 6.31 6.04 9.85
CA HIS A 212 5.70 7.37 9.93
C HIS A 212 6.72 8.38 10.42
N GLY A 213 6.62 9.59 9.88
CA GLY A 213 7.48 10.69 10.29
C GLY A 213 6.85 11.43 11.45
N ASP A 214 7.68 11.75 12.46
CA ASP A 214 7.12 12.34 13.66
C ASP A 214 6.89 13.85 13.56
N ALA A 215 7.09 14.41 12.37
CA ALA A 215 6.78 15.82 12.13
C ALA A 215 5.74 16.02 11.00
N ASP A 216 4.93 15.00 10.74
CA ASP A 216 4.01 14.98 9.59
C ASP A 216 2.82 15.93 9.77
N PRO A 217 2.71 16.95 8.92
CA PRO A 217 1.56 17.86 9.01
C PRO A 217 0.32 17.34 8.27
N VAL A 218 0.48 16.33 7.42
CA VAL A 218 -0.63 15.86 6.59
C VAL A 218 -1.42 14.77 7.31
N VAL A 219 -0.75 13.67 7.61
CA VAL A 219 -1.35 12.62 8.41
C VAL A 219 -0.64 12.61 9.75
N PRO A 220 -1.38 12.92 10.83
CA PRO A 220 -0.76 13.07 12.15
C PRO A 220 0.00 11.82 12.56
N PHE A 221 1.20 12.02 13.12
CA PHE A 221 2.03 10.95 13.65
C PHE A 221 1.24 10.06 14.63
N ALA A 222 0.23 10.60 15.26
CA ALA A 222 -0.56 9.85 16.21
C ALA A 222 -1.32 8.73 15.55
N ASP A 223 -1.57 8.88 14.27
CA ASP A 223 -2.28 7.86 13.53
C ASP A 223 -1.55 6.56 13.48
N MET A 224 -0.23 6.59 13.56
CA MET A 224 0.57 5.40 13.48
C MET A 224 0.27 4.48 14.64
N SER A 225 0.23 5.07 15.81
CA SER A 225 -0.10 4.36 17.02
C SER A 225 -1.56 3.89 16.99
N LEU A 226 -2.44 4.69 16.41
CA LEU A 226 -3.83 4.29 16.28
C LEU A 226 -3.94 3.04 15.43
N ALA A 227 -3.40 3.11 14.23
CA ALA A 227 -3.39 1.95 13.34
C ALA A 227 -2.69 0.79 14.02
N GLY A 228 -1.54 1.07 14.63
CA GLY A 228 -0.66 0.05 15.18
C GLY A 228 -1.25 -0.75 16.33
N GLU A 229 -1.84 -0.05 17.29
CA GLU A 229 -2.56 -0.68 18.40
C GLU A 229 -3.74 -1.54 17.92
N ALA A 230 -4.52 -1.02 16.99
CA ALA A 230 -5.65 -1.77 16.49
C ALA A 230 -5.21 -3.03 15.75
N LEU A 231 -4.12 -2.95 15.01
CA LEU A 231 -3.64 -4.15 14.32
C LEU A 231 -3.18 -5.18 15.33
N ALA A 232 -2.43 -4.75 16.33
CA ALA A 232 -1.97 -5.62 17.41
C ALA A 232 -3.11 -6.30 18.16
N GLU A 233 -4.15 -5.54 18.50
CA GLU A 233 -5.29 -6.07 19.24
C GLU A 233 -6.10 -7.02 18.39
N ALA A 234 -6.12 -6.78 17.09
CA ALA A 234 -6.82 -7.67 16.17
C ALA A 234 -5.98 -8.91 15.86
N GLY A 235 -4.79 -8.98 16.44
CA GLY A 235 -3.96 -10.16 16.31
C GLY A 235 -2.93 -10.13 15.20
N PHE A 236 -2.68 -8.96 14.62
CA PHE A 236 -1.61 -8.83 13.63
C PHE A 236 -0.25 -8.71 14.30
N THR A 237 0.75 -9.36 13.70
CA THR A 237 2.13 -9.10 14.02
C THR A 237 2.47 -7.72 13.49
N THR A 238 2.80 -6.81 14.38
CA THR A 238 2.87 -5.40 14.03
C THR A 238 4.22 -4.78 14.40
N TYR A 239 4.82 -4.07 13.45
CA TYR A 239 6.07 -3.37 13.71
C TYR A 239 5.95 -1.88 13.38
N GLY A 240 6.75 -1.06 14.05
CA GLY A 240 6.82 0.35 13.71
C GLY A 240 8.22 0.80 13.34
N HIS A 241 8.29 1.88 12.58
CA HIS A 241 9.54 2.61 12.42
C HIS A 241 9.23 4.08 12.43
N VAL A 242 9.97 4.82 13.24
CA VAL A 242 9.78 6.25 13.33
C VAL A 242 10.83 7.00 12.52
N MET A 243 10.40 7.78 11.55
CA MET A 243 11.33 8.62 10.80
C MET A 243 11.49 9.94 11.56
N LYS A 244 12.50 10.00 12.41
CA LYS A 244 12.66 11.16 13.30
C LYS A 244 13.02 12.42 12.52
N GLY A 245 12.27 13.49 12.75
CA GLY A 245 12.52 14.74 12.04
C GLY A 245 11.72 14.84 10.75
N THR A 246 11.16 13.71 10.32
CA THR A 246 10.59 13.61 8.98
C THR A 246 9.10 13.94 8.92
N GLY A 247 8.70 14.61 7.84
CA GLY A 247 7.32 15.01 7.63
C GLY A 247 6.55 13.96 6.84
N HIS A 248 5.71 14.42 5.92
CA HIS A 248 4.93 13.51 5.05
C HIS A 248 5.76 13.11 3.83
N GLY A 249 6.65 12.15 4.02
CA GLY A 249 7.58 11.76 2.98
C GLY A 249 8.33 10.52 3.40
N ILE A 250 9.08 9.93 2.47
CA ILE A 250 9.80 8.71 2.77
C ILE A 250 11.29 8.98 2.92
N ALA A 251 11.79 8.82 4.14
CA ALA A 251 13.20 9.05 4.45
C ALA A 251 14.04 7.80 4.22
N PRO A 252 15.35 8.01 4.01
CA PRO A 252 16.32 6.92 3.79
C PRO A 252 16.25 5.85 4.87
N ASP A 253 16.17 6.24 6.13
CA ASP A 253 16.11 5.27 7.23
C ASP A 253 14.83 4.40 7.17
N GLY A 254 13.70 5.03 6.87
CA GLY A 254 12.45 4.32 6.70
C GLY A 254 12.55 3.34 5.56
N LEU A 255 13.08 3.80 4.44
CA LEU A 255 13.26 2.92 3.29
C LEU A 255 14.20 1.74 3.60
N SER A 256 15.24 1.99 4.40
CA SER A 256 16.18 0.93 4.78
C SER A 256 15.53 -0.18 5.60
N VAL A 257 14.72 0.22 6.58
CA VAL A 257 14.03 -0.74 7.43
C VAL A 257 12.98 -1.50 6.65
N ALA A 258 12.30 -0.80 5.75
CA ALA A 258 11.36 -1.47 4.85
C ALA A 258 12.07 -2.54 4.04
N LEU A 259 13.25 -2.22 3.53
CA LEU A 259 13.98 -3.19 2.69
C LEU A 259 14.26 -4.45 3.48
N ALA A 260 14.81 -4.30 4.67
CA ALA A 260 15.07 -5.45 5.53
C ALA A 260 13.82 -6.29 5.70
N PHE A 261 12.74 -5.64 6.13
CA PHE A 261 11.46 -6.30 6.34
C PHE A 261 11.07 -7.10 5.09
N LEU A 262 11.25 -6.48 3.93
CA LEU A 262 10.85 -7.11 2.68
C LEU A 262 11.76 -8.28 2.29
N LYS A 263 13.05 -8.13 2.53
CA LYS A 263 13.98 -9.20 2.14
C LYS A 263 13.70 -10.49 2.93
N GLU A 264 13.32 -10.35 4.19
CA GLU A 264 12.96 -11.50 5.02
C GLU A 264 11.62 -12.11 4.61
N ARG A 265 10.59 -11.28 4.57
CA ARG A 265 9.24 -11.77 4.32
C ARG A 265 9.14 -12.33 2.93
N LEU A 266 9.91 -11.77 2.00
CA LEU A 266 9.80 -12.18 0.61
C LEU A 266 10.61 -13.44 0.28
N PRO A 267 10.08 -14.26 -0.63
CA PRO A 267 10.86 -15.39 -1.19
C PRO A 267 12.04 -14.85 -2.00
#